data_4L8I
#
_entry.id   4L8I
#
_cell.length_a   53.406
_cell.length_b   53.406
_cell.length_c   178.508
_cell.angle_alpha   90.000
_cell.angle_beta   90.000
_cell.angle_gamma   120.000
#
_symmetry.space_group_name_H-M   'P 31 2 1'
#
loop_
_entity.id
_entity.type
_entity.pdbx_description
1 polymer 'RSV epitope scaffold FFL_005'
2 water water
#
_entity_poly.entity_id   1
_entity_poly.type   'polypeptide(L)'
_entity_poly.pdbx_seq_one_letter_code
;GSMSDIRKDLEERFDKLVEALKNKVDKMKAAFRMDQFHEERMKDWFKDLRKEVEQMRRAVRNYASEALSKINDLPITNDD
KKLASNDVLKLVAEVWKKLEAILADVEAWFTHHHH
;
_entity_poly.pdbx_strand_id   A,B
#
# COMPACT_ATOMS: atom_id res chain seq x y z
N SER A 2 -19.72 12.09 12.57
CA SER A 2 -19.86 12.12 11.07
C SER A 2 -18.62 11.51 10.41
N MET A 3 -18.83 11.09 9.16
CA MET A 3 -17.85 10.46 8.34
C MET A 3 -16.69 11.34 7.97
N SER A 4 -17.00 12.59 7.59
CA SER A 4 -15.94 13.45 7.11
C SER A 4 -14.99 13.81 8.26
N ASP A 5 -15.51 13.98 9.47
CA ASP A 5 -14.65 14.24 10.61
C ASP A 5 -13.64 13.09 10.79
N ILE A 6 -14.16 11.86 10.77
CA ILE A 6 -13.31 10.70 10.92
C ILE A 6 -12.24 10.68 9.84
N ARG A 7 -12.68 10.90 8.59
CA ARG A 7 -11.75 10.94 7.46
C ARG A 7 -10.75 12.06 7.57
N LYS A 8 -11.23 13.25 7.94
CA LYS A 8 -10.36 14.40 7.96
C LYS A 8 -9.29 14.19 9.02
N ASP A 9 -9.68 13.75 10.21
CA ASP A 9 -8.76 13.48 11.32
C ASP A 9 -7.74 12.40 10.95
N LEU A 10 -8.19 11.34 10.29
CA LEU A 10 -7.27 10.31 9.86
C LEU A 10 -6.24 10.89 8.90
N GLU A 11 -6.70 11.65 7.91
CA GLU A 11 -5.77 12.17 6.89
C GLU A 11 -4.76 13.12 7.51
N GLU A 12 -5.20 13.91 8.50
CA GLU A 12 -4.30 14.81 9.22
C GLU A 12 -3.19 14.04 9.93
N ARG A 13 -3.51 12.91 10.59
CA ARG A 13 -2.49 12.04 11.19
CA ARG A 13 -2.48 12.06 11.20
C ARG A 13 -1.51 11.48 10.17
N PHE A 14 -2.05 10.97 9.07
CA PHE A 14 -1.25 10.50 7.95
C PHE A 14 -0.31 11.59 7.46
N ASP A 15 -0.81 12.80 7.23
CA ASP A 15 0.04 13.91 6.80
C ASP A 15 1.14 14.24 7.83
N LYS A 16 0.83 14.18 9.13
CA LYS A 16 1.90 14.38 10.12
C LYS A 16 3.01 13.34 10.04
N LEU A 17 2.67 12.09 9.77
CA LEU A 17 3.74 11.07 9.65
C LEU A 17 4.65 11.37 8.46
N VAL A 18 4.04 11.72 7.34
CA VAL A 18 4.77 12.08 6.12
C VAL A 18 5.69 13.29 6.39
N GLU A 19 5.17 14.36 7.00
CA GLU A 19 5.97 15.53 7.31
C GLU A 19 7.17 15.16 8.19
N ALA A 20 6.93 14.30 9.16
CA ALA A 20 7.92 13.94 10.15
C ALA A 20 9.03 13.11 9.52
N LEU A 21 8.65 12.21 8.63
CA LEU A 21 9.64 11.40 7.91
C LEU A 21 10.47 12.29 7.02
N LYS A 22 9.80 13.12 6.22
CA LYS A 22 10.47 14.08 5.33
C LYS A 22 11.46 14.98 6.08
N ASN A 23 11.05 15.52 7.25
CA ASN A 23 11.93 16.34 8.07
C ASN A 23 13.22 15.59 8.43
N LYS A 24 13.05 14.33 8.86
CA LYS A 24 14.20 13.47 9.24
C LYS A 24 15.18 13.23 8.07
N VAL A 25 14.64 13.00 6.89
CA VAL A 25 15.46 12.71 5.72
C VAL A 25 16.15 14.00 5.23
N ASP A 26 15.39 15.09 5.15
CA ASP A 26 15.92 16.35 4.67
C ASP A 26 17.07 16.80 5.58
N LYS A 27 16.89 16.67 6.89
CA LYS A 27 17.92 17.20 7.79
C LYS A 27 19.21 16.37 7.69
N MET A 28 19.11 15.07 7.39
CA MET A 28 20.31 14.27 7.14
C MET A 28 21.03 14.73 5.86
N LYS A 29 20.26 14.96 4.81
CA LYS A 29 20.87 15.37 3.53
C LYS A 29 21.61 16.71 3.66
N ALA A 30 21.05 17.66 4.37
CA ALA A 30 21.70 18.94 4.60
C ALA A 30 22.97 18.81 5.45
N ALA A 31 22.97 17.91 6.43
CA ALA A 31 24.20 17.62 7.21
C ALA A 31 25.22 16.78 6.45
N PHE A 32 24.76 16.12 5.40
CA PHE A 32 25.64 15.21 4.69
C PHE A 32 26.71 16.00 3.95
N ARG A 33 27.96 15.61 4.14
CA ARG A 33 29.01 15.93 3.18
C ARG A 33 29.35 14.66 2.43
N MET A 34 29.59 14.78 1.13
CA MET A 34 30.15 13.68 0.34
C MET A 34 31.63 13.44 0.70
N ASP A 35 31.88 12.94 1.92
CA ASP A 35 33.18 12.35 2.32
C ASP A 35 33.00 10.97 2.95
N GLN A 36 34.13 10.38 3.30
CA GLN A 36 34.18 9.00 3.74
C GLN A 36 33.47 8.59 5.03
N PHE A 37 33.67 9.40 6.08
CA PHE A 37 33.00 9.15 7.37
C PHE A 37 31.53 9.07 7.09
N HIS A 38 31.03 10.08 6.39
CA HIS A 38 29.61 10.14 6.11
C HIS A 38 29.13 9.01 5.19
N GLU A 39 30.01 8.54 4.30
CA GLU A 39 29.60 7.50 3.36
C GLU A 39 29.42 6.13 4.03
N GLU A 40 30.38 5.80 4.89
CA GLU A 40 30.42 4.55 5.63
C GLU A 40 29.26 4.50 6.61
N ARG A 41 28.77 5.64 7.09
CA ARG A 41 27.59 5.62 7.98
C ARG A 41 26.23 5.49 7.32
N MET A 42 26.15 5.66 5.99
CA MET A 42 24.84 5.68 5.33
C MET A 42 24.18 4.33 5.42
N LYS A 43 24.98 3.26 5.42
CA LYS A 43 24.45 1.90 5.58
C LYS A 43 23.60 1.81 6.87
N ASP A 44 24.19 2.15 8.00
CA ASP A 44 23.43 2.17 9.25
C ASP A 44 22.27 3.15 9.22
N TRP A 45 22.47 4.35 8.68
CA TRP A 45 21.37 5.30 8.66
C TRP A 45 20.21 4.74 7.81
N PHE A 46 20.52 4.11 6.68
CA PHE A 46 19.46 3.50 5.88
C PHE A 46 18.78 2.38 6.66
N LYS A 47 19.54 1.60 7.40
CA LYS A 47 18.93 0.56 8.22
C LYS A 47 17.92 1.19 9.19
N ASP A 48 18.33 2.25 9.87
CA ASP A 48 17.49 2.95 10.85
C ASP A 48 16.26 3.60 10.15
N LEU A 49 16.44 4.14 8.95
CA LEU A 49 15.32 4.72 8.21
C LEU A 49 14.29 3.66 7.84
N ARG A 50 14.74 2.44 7.49
CA ARG A 50 13.77 1.39 7.13
C ARG A 50 12.96 0.99 8.38
N LYS A 51 13.61 0.96 9.54
CA LYS A 51 12.91 0.68 10.81
C LYS A 51 11.86 1.78 11.03
N GLU A 52 12.22 3.03 10.76
CA GLU A 52 11.31 4.17 10.96
C GLU A 52 10.06 4.07 10.08
N VAL A 53 10.30 3.75 8.82
CA VAL A 53 9.19 3.55 7.89
C VAL A 53 8.28 2.39 8.36
N GLU A 54 8.86 1.29 8.82
CA GLU A 54 8.10 0.17 9.35
C GLU A 54 7.24 0.56 10.54
N GLN A 55 7.81 1.35 11.43
CA GLN A 55 7.10 1.86 12.58
C GLN A 55 5.96 2.82 12.23
N MET A 56 6.16 3.61 11.19
CA MET A 56 5.10 4.49 10.74
C MET A 56 4.02 3.73 9.99
N ARG A 57 4.39 2.66 9.30
CA ARG A 57 3.38 1.90 8.60
C ARG A 57 2.56 1.16 9.65
N ARG A 58 3.20 0.77 10.75
CA ARG A 58 2.48 0.25 11.92
C ARG A 58 1.51 1.27 12.50
N ALA A 59 1.95 2.50 12.72
CA ALA A 59 1.05 3.54 13.16
C ALA A 59 -0.12 3.71 12.19
N VAL A 60 0.18 3.73 10.91
CA VAL A 60 -0.85 3.82 9.88
C VAL A 60 -1.93 2.75 10.07
N ARG A 61 -1.56 1.49 10.27
CA ARG A 61 -2.55 0.47 10.55
C ARG A 61 -3.37 0.69 11.84
N ASN A 62 -2.70 1.11 12.90
CA ASN A 62 -3.35 1.41 14.16
C ASN A 62 -4.37 2.56 13.97
N TYR A 63 -3.94 3.64 13.31
CA TYR A 63 -4.82 4.77 13.11
C TYR A 63 -6.05 4.38 12.27
N ALA A 64 -5.81 3.56 11.24
CA ALA A 64 -6.88 3.13 10.31
C ALA A 64 -7.84 2.18 11.00
N SER A 65 -7.32 1.27 11.82
CA SER A 65 -8.14 0.35 12.60
C SER A 65 -9.08 1.12 13.51
N GLU A 66 -8.58 2.19 14.11
CA GLU A 66 -9.43 2.99 15.00
C GLU A 66 -10.50 3.77 14.26
N ALA A 67 -10.14 4.34 13.09
CA ALA A 67 -11.12 4.98 12.22
C ALA A 67 -12.21 4.00 11.80
N LEU A 68 -11.80 2.79 11.43
CA LEU A 68 -12.77 1.77 11.03
C LEU A 68 -13.70 1.42 12.20
N SER A 69 -13.15 1.36 13.40
CA SER A 69 -13.95 1.13 14.60
C SER A 69 -15.06 2.18 14.76
N LYS A 70 -14.68 3.45 14.66
CA LYS A 70 -15.61 4.59 14.72
C LYS A 70 -16.67 4.52 13.63
N ILE A 71 -16.26 4.14 12.43
CA ILE A 71 -17.22 4.04 11.34
C ILE A 71 -18.29 2.98 11.63
N ASN A 72 -17.86 1.84 12.15
CA ASN A 72 -18.73 0.72 12.37
C ASN A 72 -19.67 1.02 13.54
N ASP A 73 -19.33 1.99 14.39
CA ASP A 73 -20.27 2.37 15.45
CA ASP A 73 -20.18 2.49 15.50
C ASP A 73 -21.34 3.35 14.98
N LEU A 74 -21.23 3.89 13.76
CA LEU A 74 -22.22 4.87 13.28
C LEU A 74 -23.59 4.26 12.95
N PRO A 75 -24.65 5.08 13.11
CA PRO A 75 -25.99 4.57 12.82
C PRO A 75 -26.27 4.63 11.34
N ILE A 76 -25.49 3.88 10.55
CA ILE A 76 -25.62 3.88 9.10
C ILE A 76 -25.74 2.44 8.57
N THR A 77 -26.12 2.26 7.32
CA THR A 77 -26.28 0.91 6.78
C THR A 77 -24.93 0.21 6.64
N ASN A 78 -24.97 -1.12 6.56
CA ASN A 78 -23.77 -1.89 6.28
C ASN A 78 -23.19 -1.49 4.93
N ASP A 79 -24.05 -1.17 3.96
CA ASP A 79 -23.54 -0.74 2.66
C ASP A 79 -22.73 0.55 2.76
N ASP A 80 -23.25 1.52 3.51
CA ASP A 80 -22.53 2.78 3.74
C ASP A 80 -21.25 2.60 4.55
N LYS A 81 -21.26 1.64 5.48
CA LYS A 81 -20.06 1.36 6.23
C LYS A 81 -18.94 0.84 5.29
N LYS A 82 -19.32 0.03 4.29
CA LYS A 82 -18.36 -0.56 3.37
C LYS A 82 -17.80 0.49 2.45
N LEU A 83 -18.65 1.40 2.00
CA LEU A 83 -18.19 2.54 1.19
C LEU A 83 -17.18 3.37 1.99
N ALA A 84 -17.44 3.57 3.28
CA ALA A 84 -16.56 4.34 4.16
C ALA A 84 -15.25 3.62 4.37
N SER A 85 -15.30 2.32 4.59
CA SER A 85 -14.05 1.56 4.76
C SER A 85 -13.22 1.56 3.46
N ASN A 86 -13.90 1.52 2.32
CA ASN A 86 -13.24 1.68 1.02
C ASN A 86 -12.45 3.02 0.98
N ASP A 87 -13.07 4.12 1.40
CA ASP A 87 -12.41 5.43 1.47
C ASP A 87 -11.24 5.45 2.44
N VAL A 88 -11.37 4.79 3.59
CA VAL A 88 -10.24 4.62 4.50
C VAL A 88 -9.12 3.87 3.81
N LEU A 89 -9.44 2.79 3.11
CA LEU A 89 -8.40 2.00 2.47
C LEU A 89 -7.67 2.81 1.36
N LYS A 90 -8.40 3.68 0.68
CA LYS A 90 -7.76 4.58 -0.28
C LYS A 90 -6.82 5.54 0.44
N LEU A 91 -7.23 6.13 1.56
CA LEU A 91 -6.30 7.00 2.29
C LEU A 91 -5.03 6.27 2.78
N VAL A 92 -5.20 5.03 3.26
CA VAL A 92 -4.09 4.18 3.66
C VAL A 92 -3.18 3.96 2.46
N ALA A 93 -3.73 3.69 1.28
CA ALA A 93 -2.87 3.43 0.14
C ALA A 93 -2.08 4.67 -0.20
N GLU A 94 -2.65 5.86 -0.02
CA GLU A 94 -1.97 7.09 -0.39
C GLU A 94 -0.86 7.44 0.62
N VAL A 95 -1.08 7.21 1.92
CA VAL A 95 0.00 7.50 2.88
C VAL A 95 1.10 6.49 2.72
N TRP A 96 0.77 5.22 2.44
CA TRP A 96 1.82 4.28 2.14
C TRP A 96 2.72 4.74 1.00
N LYS A 97 2.10 5.18 -0.09
CA LYS A 97 2.82 5.59 -1.28
C LYS A 97 3.73 6.76 -0.95
N LYS A 98 3.25 7.72 -0.15
CA LYS A 98 4.07 8.89 0.18
C LYS A 98 5.27 8.50 1.06
N LEU A 99 5.04 7.63 2.04
CA LEU A 99 6.13 7.15 2.93
C LEU A 99 7.17 6.39 2.13
N GLU A 100 6.71 5.50 1.25
CA GLU A 100 7.63 4.71 0.46
C GLU A 100 8.39 5.58 -0.54
N ALA A 101 7.76 6.61 -1.10
CA ALA A 101 8.50 7.48 -2.03
C ALA A 101 9.66 8.22 -1.37
N ILE A 102 9.42 8.76 -0.17
CA ILE A 102 10.45 9.42 0.61
C ILE A 102 11.69 8.54 0.77
N LEU A 103 11.49 7.29 1.21
CA LEU A 103 12.56 6.32 1.31
C LEU A 103 13.19 6.03 -0.04
N ALA A 104 12.40 5.67 -1.05
CA ALA A 104 12.92 5.42 -2.37
C ALA A 104 13.69 6.62 -2.88
N ASP A 105 13.15 7.83 -2.71
CA ASP A 105 13.88 9.03 -3.20
C ASP A 105 15.26 9.25 -2.56
N VAL A 106 15.40 9.09 -1.25
CA VAL A 106 16.74 9.30 -0.62
C VAL A 106 17.71 8.18 -0.93
N GLU A 107 17.23 6.94 -1.06
CA GLU A 107 18.04 5.84 -1.59
C GLU A 107 18.58 6.17 -3.00
N ALA A 108 17.73 6.66 -3.89
CA ALA A 108 18.22 7.07 -5.22
C ALA A 108 19.18 8.26 -5.17
N TRP A 109 18.96 9.19 -4.25
CA TRP A 109 19.83 10.36 -4.11
C TRP A 109 21.26 9.92 -3.77
N PHE A 110 21.37 8.99 -2.83
CA PHE A 110 22.69 8.50 -2.43
C PHE A 110 23.38 7.65 -3.49
N THR A 111 22.66 6.74 -4.12
CA THR A 111 23.25 6.03 -5.27
C THR A 111 23.79 6.97 -6.33
N HIS A 112 22.98 7.97 -6.70
CA HIS A 112 23.32 8.95 -7.74
C HIS A 112 24.44 9.90 -7.33
N HIS A 113 24.35 10.42 -6.10
CA HIS A 113 25.46 11.16 -5.43
C HIS A 113 26.76 10.38 -5.57
N HIS A 114 26.66 9.07 -5.39
CA HIS A 114 27.83 8.18 -5.37
C HIS A 114 28.33 7.63 -6.71
N HIS A 115 27.48 7.55 -7.74
CA HIS A 115 27.88 7.26 -9.14
C HIS A 115 28.03 8.53 -9.96
N GLY B 1 -11.02 -21.31 13.23
CA GLY B 1 -12.27 -20.60 13.63
C GLY B 1 -12.81 -19.68 12.55
N SER B 2 -13.88 -18.97 12.87
CA SER B 2 -14.54 -18.04 11.97
C SER B 2 -13.61 -16.89 11.56
N MET B 3 -12.73 -16.46 12.47
CA MET B 3 -11.79 -15.41 12.14
C MET B 3 -10.72 -15.88 11.17
N SER B 4 -10.15 -17.02 11.54
CA SER B 4 -9.18 -17.72 10.74
C SER B 4 -9.73 -18.00 9.35
N ASP B 5 -11.01 -18.36 9.23
CA ASP B 5 -11.60 -18.59 7.90
C ASP B 5 -11.56 -17.29 7.11
N ILE B 6 -11.95 -16.19 7.75
CA ILE B 6 -12.02 -14.91 7.07
C ILE B 6 -10.63 -14.53 6.52
N ARG B 7 -9.58 -14.68 7.35
CA ARG B 7 -8.21 -14.36 6.94
C ARG B 7 -7.72 -15.24 5.79
N LYS B 8 -7.91 -16.56 5.91
CA LYS B 8 -7.49 -17.51 4.91
C LYS B 8 -8.19 -17.22 3.63
N ASP B 9 -9.50 -17.02 3.65
CA ASP B 9 -10.21 -16.75 2.39
C ASP B 9 -9.79 -15.47 1.68
N LEU B 10 -9.61 -14.40 2.44
CA LEU B 10 -9.15 -13.13 1.86
C LEU B 10 -7.74 -13.25 1.27
N GLU B 11 -6.83 -13.92 1.96
CA GLU B 11 -5.47 -14.08 1.45
C GLU B 11 -5.46 -14.91 0.12
N GLU B 12 -6.27 -15.95 0.08
CA GLU B 12 -6.46 -16.77 -1.11
C GLU B 12 -7.00 -15.94 -2.30
N ARG B 13 -7.92 -15.02 -2.03
CA ARG B 13 -8.42 -14.08 -3.03
C ARG B 13 -7.31 -13.19 -3.57
N PHE B 14 -6.53 -12.64 -2.65
CA PHE B 14 -5.42 -11.76 -3.03
C PHE B 14 -4.38 -12.55 -3.82
N ASP B 15 -4.07 -13.78 -3.40
CA ASP B 15 -3.13 -14.61 -4.15
C ASP B 15 -3.60 -14.90 -5.58
N LYS B 16 -4.89 -15.09 -5.81
CA LYS B 16 -5.41 -15.29 -7.17
C LYS B 16 -5.35 -14.03 -8.03
N LEU B 17 -5.54 -12.86 -7.44
CA LEU B 17 -5.26 -11.62 -8.18
C LEU B 17 -3.82 -11.52 -8.66
N VAL B 18 -2.87 -11.78 -7.75
CA VAL B 18 -1.46 -11.69 -8.09
C VAL B 18 -1.14 -12.65 -9.22
N GLU B 19 -1.61 -13.89 -9.09
CA GLU B 19 -1.39 -14.87 -10.16
C GLU B 19 -1.97 -14.46 -11.51
N ALA B 20 -3.20 -13.95 -11.49
CA ALA B 20 -3.85 -13.45 -12.68
C ALA B 20 -3.04 -12.32 -13.35
N LEU B 21 -2.44 -11.44 -12.56
CA LEU B 21 -1.61 -10.36 -13.15
C LEU B 21 -0.34 -10.91 -13.73
N LYS B 22 0.28 -11.85 -13.02
CA LYS B 22 1.49 -12.46 -13.54
C LYS B 22 1.20 -13.18 -14.86
N ASN B 23 0.06 -13.86 -14.94
CA ASN B 23 -0.31 -14.51 -16.19
C ASN B 23 -0.48 -13.53 -17.36
N LYS B 24 -1.07 -12.38 -17.07
CA LYS B 24 -1.18 -11.31 -18.06
C LYS B 24 0.16 -10.80 -18.54
N VAL B 25 1.09 -10.59 -17.62
CA VAL B 25 2.46 -10.19 -17.96
C VAL B 25 3.10 -11.27 -18.82
N ASP B 26 2.90 -12.55 -18.48
CA ASP B 26 3.45 -13.61 -19.30
C ASP B 26 2.86 -13.59 -20.72
N LYS B 27 1.56 -13.36 -20.88
CA LYS B 27 0.97 -13.27 -22.24
C LYS B 27 1.59 -12.16 -23.04
N MET B 28 1.75 -11.01 -22.40
CA MET B 28 2.41 -9.92 -23.09
C MET B 28 3.83 -10.28 -23.55
N LYS B 29 4.62 -10.86 -22.66
CA LYS B 29 5.96 -11.26 -23.06
C LYS B 29 5.95 -12.33 -24.12
N ALA B 30 5.02 -13.27 -24.07
CA ALA B 30 4.92 -14.30 -25.11
C ALA B 30 4.64 -13.67 -26.49
N ALA B 31 3.88 -12.58 -26.50
CA ALA B 31 3.49 -11.84 -27.74
C ALA B 31 4.56 -10.84 -28.24
N PHE B 32 5.63 -10.66 -27.48
CA PHE B 32 6.57 -9.59 -27.83
C PHE B 32 7.24 -9.85 -29.17
N ARG B 33 7.65 -11.09 -29.45
CA ARG B 33 8.33 -11.36 -30.69
C ARG B 33 7.50 -10.88 -31.87
N MET B 34 6.21 -11.12 -31.81
CA MET B 34 5.40 -10.77 -32.94
C MET B 34 4.94 -9.33 -32.88
N ASP B 35 4.83 -8.74 -31.69
CA ASP B 35 4.30 -7.37 -31.51
C ASP B 35 5.34 -6.24 -31.40
N GLN B 36 6.59 -6.61 -31.20
CA GLN B 36 7.68 -5.70 -30.89
C GLN B 36 7.69 -4.38 -31.68
N PHE B 37 7.64 -4.48 -33.01
CA PHE B 37 7.79 -3.27 -33.83
C PHE B 37 6.45 -2.71 -34.34
N HIS B 38 5.39 -3.10 -33.63
CA HIS B 38 4.04 -2.60 -33.87
C HIS B 38 3.73 -1.62 -32.78
N GLU B 39 3.94 -0.36 -33.10
CA GLU B 39 3.93 0.72 -32.12
C GLU B 39 2.61 0.82 -31.36
N GLU B 40 1.49 0.77 -32.05
CA GLU B 40 0.20 0.82 -31.35
C GLU B 40 -0.15 -0.44 -30.53
N ARG B 41 0.15 -1.60 -31.09
CA ARG B 41 0.04 -2.83 -30.34
C ARG B 41 0.74 -2.70 -29.00
N MET B 42 2.01 -2.28 -28.98
CA MET B 42 2.76 -2.17 -27.71
C MET B 42 2.18 -1.11 -26.79
N LYS B 43 1.74 0.03 -27.34
CA LYS B 43 1.10 1.08 -26.54
C LYS B 43 -0.16 0.53 -25.84
N ASP B 44 -0.92 -0.29 -26.57
CA ASP B 44 -2.10 -0.98 -26.04
C ASP B 44 -1.77 -2.02 -24.99
N TRP B 45 -0.69 -2.78 -25.20
CA TRP B 45 -0.28 -3.74 -24.18
C TRP B 45 -0.11 -3.04 -22.85
N PHE B 46 0.58 -1.91 -22.89
CA PHE B 46 0.91 -1.23 -21.65
C PHE B 46 -0.21 -0.44 -21.00
N LYS B 47 -1.06 0.16 -21.82
CA LYS B 47 -2.32 0.73 -21.34
C LYS B 47 -3.15 -0.35 -20.67
N ASP B 48 -3.18 -1.52 -21.28
CA ASP B 48 -3.95 -2.66 -20.73
C ASP B 48 -3.41 -3.24 -19.42
N LEU B 49 -2.09 -3.36 -19.29
CA LEU B 49 -1.50 -3.79 -18.02
C LEU B 49 -1.78 -2.76 -16.93
N ARG B 50 -1.65 -1.47 -17.24
CA ARG B 50 -1.83 -0.42 -16.24
C ARG B 50 -3.27 -0.45 -15.77
N LYS B 51 -4.17 -0.64 -16.73
CA LYS B 51 -5.58 -0.77 -16.43
C LYS B 51 -5.88 -2.01 -15.61
N GLU B 52 -5.21 -3.13 -15.86
CA GLU B 52 -5.49 -4.31 -15.04
C GLU B 52 -5.06 -4.02 -13.61
N VAL B 53 -3.90 -3.37 -13.40
CA VAL B 53 -3.43 -3.17 -12.05
C VAL B 53 -4.39 -2.23 -11.36
N GLU B 54 -4.82 -1.17 -12.04
CA GLU B 54 -5.81 -0.29 -11.42
C GLU B 54 -7.06 -1.03 -10.96
N GLN B 55 -7.55 -1.97 -11.75
CA GLN B 55 -8.81 -2.65 -11.41
C GLN B 55 -8.55 -3.61 -10.26
N MET B 56 -7.36 -4.18 -10.25
CA MET B 56 -7.07 -5.09 -9.18
C MET B 56 -6.92 -4.41 -7.82
N ARG B 57 -6.41 -3.19 -7.85
CA ARG B 57 -6.32 -2.37 -6.65
C ARG B 57 -7.71 -2.18 -6.07
N ARG B 58 -8.65 -1.86 -6.96
CA ARG B 58 -10.04 -1.73 -6.54
C ARG B 58 -10.65 -3.01 -6.00
N ALA B 59 -10.38 -4.14 -6.65
CA ALA B 59 -10.84 -5.44 -6.14
C ALA B 59 -10.29 -5.71 -4.73
N VAL B 60 -9.00 -5.46 -4.54
CA VAL B 60 -8.39 -5.55 -3.20
C VAL B 60 -9.13 -4.74 -2.18
N ARG B 61 -9.45 -3.47 -2.49
CA ARG B 61 -10.21 -2.68 -1.53
C ARG B 61 -11.56 -3.31 -1.24
N ASN B 62 -12.30 -3.70 -2.27
CA ASN B 62 -13.65 -4.24 -2.11
C ASN B 62 -13.62 -5.56 -1.34
N TYR B 63 -12.64 -6.41 -1.61
CA TYR B 63 -12.57 -7.67 -0.84
C TYR B 63 -12.25 -7.42 0.62
N ALA B 64 -11.33 -6.51 0.90
CA ALA B 64 -10.98 -6.14 2.26
C ALA B 64 -12.20 -5.59 3.00
N SER B 65 -12.95 -4.68 2.39
CA SER B 65 -14.12 -4.08 3.03
C SER B 65 -15.18 -5.12 3.34
N GLU B 66 -15.30 -6.11 2.46
CA GLU B 66 -16.19 -7.25 2.72
C GLU B 66 -15.71 -8.09 3.89
N ALA B 67 -14.43 -8.39 3.95
CA ALA B 67 -13.85 -9.08 5.11
C ALA B 67 -14.05 -8.26 6.37
N LEU B 68 -13.86 -6.95 6.31
CA LEU B 68 -14.04 -6.16 7.52
C LEU B 68 -15.51 -6.21 8.02
N SER B 69 -16.43 -6.19 7.06
CA SER B 69 -17.84 -6.26 7.38
C SER B 69 -18.16 -7.57 8.09
N LYS B 70 -17.60 -8.66 7.58
CA LYS B 70 -17.80 -9.98 8.22
C LYS B 70 -17.26 -10.00 9.64
N ILE B 71 -16.09 -9.38 9.82
CA ILE B 71 -15.45 -9.32 11.14
C ILE B 71 -16.38 -8.62 12.14
N ASN B 72 -17.00 -7.56 11.65
CA ASN B 72 -17.83 -6.72 12.49
C ASN B 72 -19.17 -7.38 12.86
N ASP B 73 -19.52 -8.46 12.18
CA ASP B 73 -20.70 -9.23 12.49
C ASP B 73 -20.43 -10.39 13.46
N LEU B 74 -19.16 -10.62 13.79
CA LEU B 74 -18.81 -11.73 14.69
C LEU B 74 -19.18 -11.40 16.12
N PRO B 75 -19.45 -12.43 16.94
CA PRO B 75 -19.82 -12.23 18.33
C PRO B 75 -18.62 -12.04 19.23
N ILE B 76 -17.91 -10.93 19.01
CA ILE B 76 -16.65 -10.61 19.65
C ILE B 76 -16.64 -9.12 20.08
N THR B 77 -15.71 -8.77 20.94
CA THR B 77 -15.62 -7.42 21.47
C THR B 77 -15.07 -6.48 20.41
N ASN B 78 -15.31 -5.20 20.60
CA ASN B 78 -14.82 -4.21 19.70
C ASN B 78 -13.30 -4.24 19.70
N ASP B 79 -12.67 -4.49 20.83
CA ASP B 79 -11.22 -4.56 20.81
C ASP B 79 -10.72 -5.69 19.92
N ASP B 80 -11.37 -6.83 19.97
CA ASP B 80 -10.98 -7.93 19.08
C ASP B 80 -11.33 -7.65 17.61
N LYS B 81 -12.34 -6.84 17.35
CA LYS B 81 -12.61 -6.43 15.98
C LYS B 81 -11.46 -5.58 15.50
N LYS B 82 -10.99 -4.65 16.33
CA LYS B 82 -9.85 -3.81 15.95
C LYS B 82 -8.59 -4.62 15.66
N LEU B 83 -8.31 -5.64 16.47
CA LEU B 83 -7.12 -6.46 16.23
C LEU B 83 -7.27 -7.24 14.93
N ALA B 84 -8.47 -7.76 14.64
CA ALA B 84 -8.71 -8.47 13.36
C ALA B 84 -8.65 -7.53 12.14
N SER B 85 -9.10 -6.29 12.28
CA SER B 85 -8.94 -5.29 11.22
C SER B 85 -7.46 -5.03 10.91
N ASN B 86 -6.64 -4.97 11.93
CA ASN B 86 -5.21 -4.86 11.73
C ASN B 86 -4.63 -6.00 10.91
N ASP B 87 -5.01 -7.23 11.19
CA ASP B 87 -4.61 -8.39 10.38
C ASP B 87 -5.07 -8.29 8.92
N VAL B 88 -6.28 -7.78 8.67
CA VAL B 88 -6.74 -7.49 7.29
C VAL B 88 -5.87 -6.44 6.64
N LEU B 89 -5.54 -5.41 7.39
CA LEU B 89 -4.67 -4.37 6.83
C LEU B 89 -3.25 -4.87 6.48
N LYS B 90 -2.71 -5.79 7.27
CA LYS B 90 -1.45 -6.43 6.89
C LYS B 90 -1.54 -7.25 5.60
N LEU B 91 -2.67 -7.92 5.40
CA LEU B 91 -2.84 -8.70 4.17
C LEU B 91 -2.90 -7.79 2.97
N VAL B 92 -3.63 -6.69 3.15
CA VAL B 92 -3.77 -5.71 2.10
C VAL B 92 -2.38 -5.12 1.79
N ALA B 93 -1.63 -4.76 2.82
CA ALA B 93 -0.28 -4.19 2.59
C ALA B 93 0.53 -5.16 1.71
N GLU B 94 0.44 -6.46 1.96
CA GLU B 94 1.29 -7.38 1.19
C GLU B 94 0.86 -7.55 -0.23
N VAL B 95 -0.45 -7.66 -0.47
CA VAL B 95 -0.93 -7.71 -1.86
C VAL B 95 -0.61 -6.43 -2.64
N TRP B 96 -0.72 -5.27 -2.00
CA TRP B 96 -0.36 -4.01 -2.64
C TRP B 96 1.09 -3.98 -3.14
N LYS B 97 2.00 -4.41 -2.26
CA LYS B 97 3.45 -4.47 -2.53
C LYS B 97 3.76 -5.37 -3.72
N LYS B 98 3.07 -6.51 -3.76
CA LYS B 98 3.27 -7.45 -4.89
C LYS B 98 2.82 -6.88 -6.21
N LEU B 99 1.61 -6.32 -6.24
CA LEU B 99 1.09 -5.68 -7.42
C LEU B 99 1.96 -4.51 -7.89
N GLU B 100 2.43 -3.68 -6.97
CA GLU B 100 3.26 -2.56 -7.34
C GLU B 100 4.60 -3.02 -7.91
N ALA B 101 5.15 -4.09 -7.36
CA ALA B 101 6.43 -4.58 -7.82
C ALA B 101 6.29 -5.13 -9.22
N ILE B 102 5.24 -5.87 -9.43
CA ILE B 102 4.99 -6.49 -10.72
C ILE B 102 4.78 -5.37 -11.77
N LEU B 103 4.01 -4.36 -11.42
CA LEU B 103 3.88 -3.21 -12.34
C LEU B 103 5.23 -2.50 -12.53
N ALA B 104 5.98 -2.21 -11.48
CA ALA B 104 7.27 -1.53 -11.70
C ALA B 104 8.19 -2.33 -12.63
N ASP B 105 8.13 -3.66 -12.51
CA ASP B 105 8.98 -4.55 -13.31
C ASP B 105 8.59 -4.50 -14.77
N VAL B 106 7.31 -4.33 -15.07
CA VAL B 106 6.94 -4.22 -16.49
C VAL B 106 7.26 -2.82 -17.04
N GLU B 107 7.02 -1.77 -16.25
CA GLU B 107 7.48 -0.42 -16.61
C GLU B 107 8.96 -0.40 -16.98
N ALA B 108 9.79 -1.05 -16.15
CA ALA B 108 11.22 -1.05 -16.35
C ALA B 108 11.61 -1.88 -17.57
N TRP B 109 10.91 -3.00 -17.74
CA TRP B 109 11.05 -3.83 -18.94
C TRP B 109 10.52 -3.06 -20.18
N PHE B 110 9.55 -2.15 -20.00
CA PHE B 110 9.16 -1.24 -21.11
C PHE B 110 10.30 -0.29 -21.43
N THR B 111 10.80 0.47 -20.46
CA THR B 111 11.96 1.35 -20.65
C THR B 111 13.16 0.65 -21.29
N HIS B 112 13.14 -0.68 -21.33
CA HIS B 112 14.18 -1.50 -21.98
C HIS B 112 15.09 -2.02 -20.89
#